data_2N9R
#
_entry.id   2N9R
#
_entity_poly.entity_id   1
_entity_poly.type   'polypeptide(L)'
_entity_poly.pdbx_seq_one_letter_code
;PKILNKILGKILRLAAAFK(NH2)
;
_entity_poly.pdbx_strand_id   A
#
loop_
_chem_comp.id
_chem_comp.type
_chem_comp.name
_chem_comp.formula
NH2 non-polymer 'AMINO GROUP' 'H2 N'
#
# COMPACT_ATOMS: atom_id res chain seq x y z
N PRO A 1 -3.97 1.08 -14.95
CA PRO A 1 -2.67 1.02 -14.24
C PRO A 1 -2.92 0.60 -12.79
N LYS A 2 -2.03 1.01 -11.90
CA LYS A 2 -2.17 0.67 -10.49
C LYS A 2 -3.46 1.26 -9.94
N ILE A 3 -4.46 0.42 -9.74
CA ILE A 3 -5.74 0.89 -9.23
C ILE A 3 -5.66 1.14 -7.73
N LEU A 4 -6.79 1.48 -7.13
CA LEU A 4 -6.85 1.78 -5.71
C LEU A 4 -6.22 0.69 -4.85
N ASN A 5 -6.54 -0.56 -5.17
CA ASN A 5 -6.01 -1.68 -4.41
C ASN A 5 -4.49 -1.65 -4.40
N LYS A 6 -3.91 -1.31 -5.55
CA LYS A 6 -2.47 -1.23 -5.66
C LYS A 6 -1.94 -0.11 -4.78
N ILE A 7 -2.55 1.07 -4.91
CA ILE A 7 -2.13 2.20 -4.09
C ILE A 7 -2.28 1.81 -2.64
N LEU A 8 -3.41 1.17 -2.36
CA LEU A 8 -3.69 0.70 -1.00
C LEU A 8 -2.59 -0.25 -0.59
N GLY A 9 -2.27 -1.17 -1.50
CA GLY A 9 -1.20 -2.13 -1.25
C GLY A 9 0.08 -1.40 -0.92
N LYS A 10 0.28 -0.25 -1.59
CA LYS A 10 1.48 0.53 -1.34
C LYS A 10 1.47 0.99 0.11
N ILE A 11 0.33 1.47 0.58
CA ILE A 11 0.22 1.92 1.94
C ILE A 11 0.53 0.76 2.88
N LEU A 12 -0.09 -0.38 2.61
CA LEU A 12 0.14 -1.57 3.42
C LEU A 12 1.63 -1.86 3.50
N ARG A 13 2.30 -1.76 2.36
CA ARG A 13 3.73 -2.01 2.31
C ARG A 13 4.45 -1.09 3.30
N LEU A 14 4.12 0.19 3.28
CA LEU A 14 4.74 1.13 4.20
C LEU A 14 4.20 0.90 5.59
N ALA A 15 2.91 0.61 5.67
CA ALA A 15 2.27 0.36 6.94
C ALA A 15 3.01 -0.72 7.68
N ALA A 16 3.58 -1.65 6.93
CA ALA A 16 4.35 -2.73 7.53
C ALA A 16 5.53 -2.12 8.25
N ALA A 17 6.08 -1.07 7.64
CA ALA A 17 7.21 -0.37 8.24
C ALA A 17 6.77 0.38 9.47
N PHE A 18 5.57 0.96 9.39
CA PHE A 18 5.03 1.72 10.51
C PHE A 18 4.58 0.77 11.61
N LYS A 19 3.85 -0.26 11.22
CA LYS A 19 3.36 -1.24 12.17
C LYS A 19 4.55 -1.92 12.86
N NH2 A 20 5.49 -2.46 12.14
HN1 NH2 A 20 6.26 -2.89 12.58
HN2 NH2 A 20 5.44 -2.43 11.16
N PRO A 1 -2.19 1.74 -14.49
CA PRO A 1 -2.35 0.27 -14.29
C PRO A 1 -2.60 -0.02 -12.81
N LYS A 2 -1.86 0.64 -11.93
CA LYS A 2 -2.03 0.43 -10.49
C LYS A 2 -3.32 1.13 -10.05
N ILE A 3 -4.37 0.34 -9.84
CA ILE A 3 -5.66 0.90 -9.44
C ILE A 3 -5.70 1.19 -7.94
N LEU A 4 -6.90 1.48 -7.45
CA LEU A 4 -7.11 1.84 -6.03
C LEU A 4 -6.52 0.81 -5.07
N ASN A 5 -6.77 -0.46 -5.32
CA ASN A 5 -6.24 -1.50 -4.44
C ASN A 5 -4.73 -1.39 -4.38
N LYS A 6 -4.11 -1.18 -5.53
CA LYS A 6 -2.66 -1.05 -5.59
C LYS A 6 -2.18 0.10 -4.72
N ILE A 7 -2.84 1.26 -4.85
CA ILE A 7 -2.44 2.40 -4.04
C ILE A 7 -2.51 1.99 -2.57
N LEU A 8 -3.56 1.27 -2.24
CA LEU A 8 -3.74 0.77 -0.89
C LEU A 8 -2.56 -0.12 -0.55
N GLY A 9 -2.19 -0.95 -1.53
CA GLY A 9 -1.05 -1.84 -1.37
C GLY A 9 0.19 -1.05 -1.01
N LYS A 10 0.29 0.18 -1.52
CA LYS A 10 1.42 1.03 -1.23
C LYS A 10 1.43 1.39 0.25
N ILE A 11 0.25 1.70 0.76
CA ILE A 11 0.10 2.05 2.17
C ILE A 11 0.54 0.88 3.05
N LEU A 12 0.18 -0.34 2.64
CA LEU A 12 0.55 -1.52 3.40
C LEU A 12 2.03 -1.47 3.73
N ARG A 13 2.82 -1.10 2.74
CA ARG A 13 4.26 -1.00 2.92
C ARG A 13 4.56 -0.07 4.10
N LEU A 14 3.86 1.06 4.16
CA LEU A 14 4.04 2.00 5.26
C LEU A 14 3.52 1.35 6.52
N ALA A 15 2.36 0.74 6.39
CA ALA A 15 1.74 0.05 7.49
C ALA A 15 2.68 -1.02 8.03
N ALA A 16 3.39 -1.65 7.10
CA ALA A 16 4.35 -2.68 7.46
C ALA A 16 5.57 -2.02 8.08
N ALA A 17 5.98 -0.91 7.47
CA ALA A 17 7.13 -0.17 7.96
C ALA A 17 6.88 0.38 9.36
N PHE A 18 5.72 0.99 9.54
CA PHE A 18 5.36 1.55 10.83
C PHE A 18 4.65 0.52 11.70
N LYS A 19 4.42 -0.66 11.13
CA LYS A 19 3.73 -1.74 11.83
C LYS A 19 2.30 -1.33 12.16
N NH2 A 20 2.08 -0.27 12.88
HN1 NH2 A 20 1.17 0.01 13.09
HN2 NH2 A 20 2.84 0.26 13.20
N PRO A 1 -3.73 1.39 -14.85
CA PRO A 1 -2.45 1.18 -14.13
C PRO A 1 -2.76 0.73 -12.71
N LYS A 2 -1.81 0.94 -11.80
CA LYS A 2 -2.02 0.57 -10.41
C LYS A 2 -3.29 1.21 -9.88
N ILE A 3 -4.34 0.41 -9.74
CA ILE A 3 -5.62 0.94 -9.27
C ILE A 3 -5.59 1.21 -7.77
N LEU A 4 -6.75 1.55 -7.21
CA LEU A 4 -6.86 1.88 -5.79
C LEU A 4 -6.28 0.79 -4.89
N ASN A 5 -6.57 -0.46 -5.21
CA ASN A 5 -6.06 -1.56 -4.40
C ASN A 5 -4.54 -1.52 -4.40
N LYS A 6 -3.96 -1.30 -5.56
CA LYS A 6 -2.51 -1.23 -5.67
C LYS A 6 -1.98 -0.11 -4.78
N ILE A 7 -2.61 1.06 -4.85
CA ILE A 7 -2.17 2.17 -4.00
C ILE A 7 -2.31 1.71 -2.56
N LEU A 8 -3.41 1.04 -2.28
CA LEU A 8 -3.66 0.52 -0.95
C LEU A 8 -2.53 -0.44 -0.60
N GLY A 9 -2.19 -1.28 -1.55
CA GLY A 9 -1.11 -2.23 -1.36
C GLY A 9 0.15 -1.50 -0.98
N LYS A 10 0.33 -0.28 -1.50
CA LYS A 10 1.49 0.51 -1.17
C LYS A 10 1.41 0.94 0.28
N ILE A 11 0.22 1.37 0.68
CA ILE A 11 0.01 1.78 2.07
C ILE A 11 0.33 0.61 2.97
N LEU A 12 -0.24 -0.55 2.65
CA LEU A 12 0.02 -1.75 3.44
C LEU A 12 1.52 -1.94 3.58
N ARG A 13 2.22 -1.81 2.45
CA ARG A 13 3.67 -1.95 2.45
C ARG A 13 4.30 -1.00 3.45
N LEU A 14 3.84 0.24 3.46
CA LEU A 14 4.35 1.23 4.39
C LEU A 14 3.85 0.92 5.79
N ALA A 15 2.59 0.55 5.86
CA ALA A 15 1.96 0.20 7.12
C ALA A 15 2.77 -0.88 7.81
N ALA A 16 3.38 -1.74 7.00
CA ALA A 16 4.20 -2.80 7.53
C ALA A 16 5.50 -2.22 8.08
N ALA A 17 5.94 -1.14 7.45
CA ALA A 17 7.17 -0.47 7.87
C ALA A 17 6.90 0.35 9.14
N PHE A 18 5.82 1.12 9.10
CA PHE A 18 5.45 1.97 10.24
C PHE A 18 4.67 1.16 11.28
N LYS A 19 4.48 -0.12 11.01
CA LYS A 19 3.74 -0.99 11.92
C LYS A 19 2.33 -0.43 12.12
N NH2 A 20 1.61 -0.10 11.09
HN1 NH2 A 20 0.71 0.26 11.20
HN2 NH2 A 20 1.97 -0.23 10.18
N PRO A 1 -3.32 1.94 -14.92
CA PRO A 1 -2.26 1.17 -14.23
C PRO A 1 -2.71 0.86 -12.80
N LYS A 2 -1.75 0.63 -11.92
CA LYS A 2 -2.05 0.33 -10.52
C LYS A 2 -3.26 1.15 -10.03
N ILE A 3 -4.40 0.49 -9.88
CA ILE A 3 -5.61 1.18 -9.43
C ILE A 3 -5.58 1.43 -7.92
N LEU A 4 -6.70 1.92 -7.40
CA LEU A 4 -6.81 2.23 -5.97
C LEU A 4 -6.40 1.06 -5.08
N ASN A 5 -6.87 -0.12 -5.42
CA ASN A 5 -6.54 -1.30 -4.63
C ASN A 5 -5.03 -1.49 -4.57
N LYS A 6 -4.38 -1.20 -5.69
CA LYS A 6 -2.94 -1.33 -5.76
C LYS A 6 -2.27 -0.30 -4.84
N ILE A 7 -2.77 0.94 -4.90
CA ILE A 7 -2.19 1.98 -4.04
C ILE A 7 -2.32 1.50 -2.59
N LEU A 8 -3.46 0.89 -2.30
CA LEU A 8 -3.70 0.35 -0.97
C LEU A 8 -2.57 -0.61 -0.61
N GLY A 9 -2.21 -1.44 -1.58
CA GLY A 9 -1.13 -2.38 -1.39
C GLY A 9 0.15 -1.65 -0.99
N LYS A 10 0.32 -0.43 -1.51
CA LYS A 10 1.50 0.36 -1.17
C LYS A 10 1.43 0.76 0.28
N ILE A 11 0.25 1.19 0.72
CA ILE A 11 0.05 1.61 2.10
C ILE A 11 0.40 0.45 3.01
N LEU A 12 -0.06 -0.74 2.67
CA LEU A 12 0.23 -1.92 3.46
C LEU A 12 1.73 -2.00 3.73
N ARG A 13 2.52 -1.77 2.69
CA ARG A 13 3.96 -1.81 2.82
C ARG A 13 4.43 -0.76 3.82
N LEU A 14 3.82 0.43 3.74
CA LEU A 14 4.15 1.49 4.67
C LEU A 14 3.66 1.09 6.05
N ALA A 15 2.44 0.57 6.07
CA ALA A 15 1.84 0.12 7.31
C ALA A 15 2.77 -0.88 7.98
N ALA A 16 3.42 -1.68 7.16
CA ALA A 16 4.37 -2.66 7.67
C ALA A 16 5.62 -1.93 8.14
N ALA A 17 6.05 -0.96 7.35
CA ALA A 17 7.22 -0.18 7.68
C ALA A 17 7.00 0.56 9.00
N PHE A 18 5.84 1.19 9.13
CA PHE A 18 5.50 1.92 10.34
C PHE A 18 4.78 1.02 11.35
N LYS A 19 4.67 -0.26 11.02
CA LYS A 19 3.99 -1.21 11.90
C LYS A 19 2.59 -0.73 12.24
N NH2 A 20 1.84 -0.24 11.30
HN1 NH2 A 20 0.95 0.09 11.50
HN2 NH2 A 20 2.19 -0.19 10.38
N PRO A 1 -4.53 0.11 -15.16
CA PRO A 1 -3.24 0.49 -14.54
C PRO A 1 -3.35 0.27 -13.03
N LYS A 2 -2.50 0.94 -12.27
CA LYS A 2 -2.52 0.81 -10.81
C LYS A 2 -3.85 1.36 -10.27
N ILE A 3 -4.62 0.51 -9.60
CA ILE A 3 -5.89 0.95 -9.05
C ILE A 3 -5.76 1.18 -7.54
N LEU A 4 -6.90 1.39 -6.90
CA LEU A 4 -6.92 1.67 -5.45
C LEU A 4 -6.17 0.62 -4.63
N ASN A 5 -6.39 -0.65 -4.91
CA ASN A 5 -5.70 -1.69 -4.15
C ASN A 5 -4.20 -1.52 -4.28
N LYS A 6 -3.74 -1.25 -5.50
CA LYS A 6 -2.32 -1.03 -5.74
C LYS A 6 -1.81 0.14 -4.89
N ILE A 7 -2.54 1.25 -4.92
CA ILE A 7 -2.15 2.40 -4.13
C ILE A 7 -2.19 1.99 -2.66
N LEU A 8 -3.21 1.22 -2.33
CA LEU A 8 -3.36 0.74 -0.97
C LEU A 8 -2.18 -0.16 -0.65
N GLY A 9 -1.88 -1.04 -1.61
CA GLY A 9 -0.75 -1.95 -1.47
C GLY A 9 0.51 -1.15 -1.20
N LYS A 10 0.57 0.05 -1.78
CA LYS A 10 1.72 0.92 -1.57
C LYS A 10 1.79 1.27 -0.09
N ILE A 11 0.62 1.58 0.48
CA ILE A 11 0.57 1.93 1.89
C ILE A 11 0.86 0.71 2.75
N LEU A 12 0.28 -0.43 2.38
CA LEU A 12 0.49 -1.67 3.12
C LEU A 12 1.97 -1.91 3.37
N ARG A 13 2.77 -1.74 2.33
CA ARG A 13 4.20 -1.93 2.45
C ARG A 13 4.75 -1.06 3.58
N LEU A 14 4.24 0.17 3.66
CA LEU A 14 4.67 1.10 4.69
C LEU A 14 3.94 0.80 5.99
N ALA A 15 2.66 0.47 5.87
CA ALA A 15 1.85 0.15 7.04
C ALA A 15 2.51 -0.96 7.83
N ALA A 16 3.22 -1.82 7.12
CA ALA A 16 3.93 -2.93 7.73
C ALA A 16 5.15 -2.38 8.44
N ALA A 17 5.76 -1.36 7.84
CA ALA A 17 6.94 -0.74 8.42
C ALA A 17 6.53 0.13 9.60
N PHE A 18 5.51 0.95 9.39
CA PHE A 18 5.03 1.83 10.45
C PHE A 18 4.10 1.07 11.39
N LYS A 19 3.95 -0.23 11.12
CA LYS A 19 3.08 -1.09 11.93
C LYS A 19 1.74 -0.42 12.18
N NH2 A 20 0.98 -0.15 11.16
HN1 NH2 A 20 0.11 0.30 11.30
HN2 NH2 A 20 1.26 -0.37 10.25
N PRO A 1 -5.45 0.69 -15.30
CA PRO A 1 -4.10 0.57 -14.69
C PRO A 1 -4.24 0.09 -13.25
N LYS A 2 -3.25 0.43 -12.43
CA LYS A 2 -3.25 0.03 -11.03
C LYS A 2 -4.31 0.82 -10.25
N ILE A 3 -5.35 0.12 -9.80
CA ILE A 3 -6.41 0.78 -9.04
C ILE A 3 -5.99 1.05 -7.60
N LEU A 4 -6.94 1.46 -6.77
CA LEU A 4 -6.68 1.79 -5.38
C LEU A 4 -5.96 0.67 -4.64
N ASN A 5 -6.41 -0.55 -4.84
CA ASN A 5 -5.80 -1.69 -4.16
C ASN A 5 -4.31 -1.76 -4.49
N LYS A 6 -3.99 -1.46 -5.73
CA LYS A 6 -2.61 -1.48 -6.17
C LYS A 6 -1.80 -0.37 -5.50
N ILE A 7 -2.34 0.85 -5.49
CA ILE A 7 -1.63 1.96 -4.86
C ILE A 7 -1.55 1.70 -3.36
N LEU A 8 -2.62 1.11 -2.84
CA LEU A 8 -2.67 0.79 -1.41
C LEU A 8 -1.46 -0.02 -1.04
N GLY A 9 -1.07 -0.91 -1.94
CA GLY A 9 0.10 -1.76 -1.72
C GLY A 9 1.31 -0.90 -1.36
N LYS A 10 1.37 0.30 -1.91
CA LYS A 10 2.48 1.20 -1.63
C LYS A 10 2.38 1.68 -0.18
N ILE A 11 1.17 2.04 0.21
CA ILE A 11 0.92 2.51 1.56
C ILE A 11 1.08 1.36 2.55
N LEU A 12 0.56 0.19 2.18
CA LEU A 12 0.63 -1.00 3.02
C LEU A 12 2.05 -1.21 3.53
N ARG A 13 3.01 -1.12 2.63
CA ARG A 13 4.40 -1.31 3.00
C ARG A 13 4.76 -0.39 4.16
N LEU A 14 4.27 0.84 4.12
CA LEU A 14 4.52 1.80 5.17
C LEU A 14 3.70 1.42 6.38
N ALA A 15 2.42 1.24 6.14
CA ALA A 15 1.50 0.88 7.20
C ALA A 15 2.00 -0.35 7.93
N ALA A 16 2.55 -1.29 7.16
CA ALA A 16 3.07 -2.51 7.74
C ALA A 16 4.38 -2.23 8.45
N ALA A 17 5.23 -1.44 7.79
CA ALA A 17 6.54 -1.09 8.34
C ALA A 17 6.39 -0.51 9.74
N PHE A 18 5.30 0.21 9.97
CA PHE A 18 5.08 0.82 11.28
C PHE A 18 4.59 -0.20 12.28
N LYS A 19 4.04 -1.31 11.77
CA LYS A 19 3.54 -2.36 12.64
C LYS A 19 4.56 -3.50 12.72
N NH2 A 20 5.18 -3.89 11.66
HN1 NH2 A 20 5.83 -4.61 11.70
HN2 NH2 A 20 4.99 -3.44 10.80
N PRO A 1 -2.59 2.87 -14.75
CA PRO A 1 -1.54 2.28 -13.90
C PRO A 1 -2.22 1.38 -12.87
N LYS A 2 -1.50 1.09 -11.78
CA LYS A 2 -2.04 0.25 -10.72
C LYS A 2 -3.34 0.86 -10.21
N ILE A 3 -4.28 0.03 -9.78
CA ILE A 3 -5.55 0.54 -9.31
C ILE A 3 -5.49 0.87 -7.82
N LEU A 4 -6.64 1.24 -7.27
CA LEU A 4 -6.76 1.64 -5.86
C LEU A 4 -6.18 0.61 -4.90
N ASN A 5 -6.48 -0.66 -5.13
CA ASN A 5 -5.98 -1.71 -4.24
C ASN A 5 -4.47 -1.66 -4.19
N LYS A 6 -3.85 -1.41 -5.33
CA LYS A 6 -2.41 -1.31 -5.41
C LYS A 6 -1.92 -0.10 -4.65
N ILE A 7 -2.55 1.05 -4.88
CA ILE A 7 -2.16 2.25 -4.15
C ILE A 7 -2.34 1.99 -2.67
N LEU A 8 -3.44 1.32 -2.36
CA LEU A 8 -3.71 0.96 -0.97
C LEU A 8 -2.60 0.03 -0.51
N GLY A 9 -2.31 -0.95 -1.35
CA GLY A 9 -1.24 -1.90 -1.06
C GLY A 9 0.06 -1.15 -0.81
N LYS A 10 0.22 -0.01 -1.48
CA LYS A 10 1.40 0.80 -1.31
C LYS A 10 1.47 1.28 0.14
N ILE A 11 0.33 1.74 0.63
CA ILE A 11 0.24 2.20 2.01
C ILE A 11 0.53 1.03 2.94
N LEU A 12 -0.07 -0.12 2.63
CA LEU A 12 0.15 -1.31 3.44
C LEU A 12 1.64 -1.53 3.61
N ARG A 13 2.38 -1.40 2.51
CA ARG A 13 3.82 -1.57 2.55
C ARG A 13 4.41 -0.66 3.62
N LEU A 14 3.95 0.58 3.64
CA LEU A 14 4.42 1.54 4.64
C LEU A 14 3.86 1.13 5.99
N ALA A 15 2.58 0.83 5.98
CA ALA A 15 1.91 0.40 7.19
C ALA A 15 2.65 -0.78 7.77
N ALA A 16 3.16 -1.62 6.88
CA ALA A 16 3.93 -2.79 7.29
C ALA A 16 5.27 -2.32 7.82
N ALA A 17 5.78 -1.23 7.25
CA ALA A 17 7.04 -0.69 7.70
C ALA A 17 6.86 -0.07 9.08
N PHE A 18 5.80 0.70 9.21
CA PHE A 18 5.51 1.34 10.49
C PHE A 18 5.04 0.29 11.49
N LYS A 19 4.25 -0.64 11.00
CA LYS A 19 3.72 -1.71 11.84
C LYS A 19 3.98 -3.07 11.20
N NH2 A 20 5.20 -3.52 11.12
HN1 NH2 A 20 5.37 -4.40 10.73
HN2 NH2 A 20 5.95 -2.98 11.45
N PRO A 1 -4.07 1.06 -14.94
CA PRO A 1 -3.05 0.01 -14.72
C PRO A 1 -3.09 -0.46 -13.26
N LYS A 2 -2.67 0.42 -12.36
CA LYS A 2 -2.66 0.10 -10.94
C LYS A 2 -3.88 0.74 -10.29
N ILE A 3 -4.81 -0.08 -9.80
CA ILE A 3 -6.01 0.45 -9.18
C ILE A 3 -5.78 0.86 -7.74
N LEU A 4 -6.86 1.21 -7.05
CA LEU A 4 -6.81 1.66 -5.67
C LEU A 4 -6.07 0.68 -4.77
N ASN A 5 -6.37 -0.60 -4.93
CA ASN A 5 -5.73 -1.63 -4.12
C ASN A 5 -4.22 -1.54 -4.28
N LYS A 6 -3.78 -1.28 -5.51
CA LYS A 6 -2.36 -1.16 -5.78
C LYS A 6 -1.79 0.05 -5.04
N ILE A 7 -2.45 1.18 -5.17
CA ILE A 7 -1.98 2.38 -4.47
C ILE A 7 -2.05 2.12 -2.98
N LEU A 8 -3.12 1.46 -2.56
CA LEU A 8 -3.29 1.13 -1.15
C LEU A 8 -2.10 0.32 -0.69
N GLY A 9 -1.67 -0.59 -1.56
CA GLY A 9 -0.52 -1.44 -1.25
C GLY A 9 0.67 -0.57 -0.87
N LYS A 10 0.76 0.61 -1.49
CA LYS A 10 1.83 1.54 -1.18
C LYS A 10 1.70 1.96 0.28
N ILE A 11 0.46 2.17 0.70
CA ILE A 11 0.19 2.53 2.08
C ILE A 11 0.49 1.33 2.97
N LEU A 12 0.02 0.17 2.54
CA LEU A 12 0.26 -1.05 3.29
C LEU A 12 1.75 -1.21 3.53
N ARG A 13 2.53 -0.91 2.50
CA ARG A 13 3.98 -1.02 2.61
C ARG A 13 4.44 -0.26 3.84
N LEU A 14 3.81 0.88 4.10
CA LEU A 14 4.15 1.67 5.27
C LEU A 14 3.63 0.96 6.49
N ALA A 15 2.38 0.54 6.41
CA ALA A 15 1.76 -0.19 7.49
C ALA A 15 2.62 -1.40 7.83
N ALA A 16 3.19 -1.98 6.79
CA ALA A 16 4.07 -3.12 6.94
C ALA A 16 5.37 -2.65 7.57
N ALA A 17 5.84 -1.50 7.09
CA ALA A 17 7.06 -0.91 7.63
C ALA A 17 6.85 -0.66 9.12
N PHE A 18 5.71 -0.06 9.43
CA PHE A 18 5.36 0.24 10.82
C PHE A 18 4.87 -1.03 11.51
N LYS A 19 4.95 -2.16 10.79
CA LYS A 19 4.51 -3.44 11.33
C LYS A 19 3.00 -3.44 11.53
N NH2 A 20 2.47 -2.55 12.32
HN1 NH2 A 20 1.50 -2.54 12.47
HN2 NH2 A 20 3.04 -1.88 12.77
N PRO A 1 -4.84 3.15 -15.02
CA PRO A 1 -3.69 2.25 -14.70
C PRO A 1 -3.94 1.58 -13.35
N LYS A 2 -2.86 1.36 -12.61
CA LYS A 2 -2.96 0.73 -11.30
C LYS A 2 -3.99 1.46 -10.44
N ILE A 3 -4.96 0.72 -9.94
CA ILE A 3 -6.01 1.32 -9.12
C ILE A 3 -5.64 1.32 -7.64
N LEU A 4 -6.58 1.72 -6.80
CA LEU A 4 -6.37 1.80 -5.36
C LEU A 4 -5.83 0.51 -4.77
N ASN A 5 -6.38 -0.61 -5.18
CA ASN A 5 -5.94 -1.89 -4.65
C ASN A 5 -4.45 -2.05 -4.87
N LYS A 6 -3.96 -1.61 -6.03
CA LYS A 6 -2.55 -1.69 -6.32
C LYS A 6 -1.77 -0.76 -5.41
N ILE A 7 -2.23 0.49 -5.30
CA ILE A 7 -1.55 1.46 -4.44
C ILE A 7 -1.70 1.04 -2.99
N LEU A 8 -2.83 0.42 -2.68
CA LEU A 8 -3.09 -0.03 -1.32
C LEU A 8 -1.92 -0.85 -0.81
N GLY A 9 -1.42 -1.73 -1.66
CA GLY A 9 -0.29 -2.57 -1.29
C GLY A 9 0.88 -1.71 -0.82
N LYS A 10 1.03 -0.54 -1.44
CA LYS A 10 2.11 0.36 -1.06
C LYS A 10 1.82 0.89 0.34
N ILE A 11 0.59 1.30 0.56
CA ILE A 11 0.20 1.83 1.87
C ILE A 11 0.42 0.75 2.94
N LEU A 12 0.01 -0.48 2.63
CA LEU A 12 0.17 -1.58 3.56
C LEU A 12 1.64 -1.71 3.97
N ARG A 13 2.52 -1.66 2.98
CA ARG A 13 3.94 -1.78 3.24
C ARG A 13 4.39 -0.73 4.25
N LEU A 14 3.81 0.45 4.18
CA LEU A 14 4.16 1.51 5.12
C LEU A 14 3.65 1.12 6.48
N ALA A 15 2.38 0.76 6.50
CA ALA A 15 1.72 0.34 7.73
C ALA A 15 2.46 -0.87 8.31
N ALA A 16 2.94 -1.72 7.43
CA ALA A 16 3.66 -2.91 7.85
C ALA A 16 5.05 -2.53 8.33
N ALA A 17 5.70 -1.63 7.60
CA ALA A 17 7.03 -1.20 7.94
C ALA A 17 7.04 -0.24 9.11
N PHE A 18 6.11 0.72 9.11
CA PHE A 18 6.06 1.71 10.18
C PHE A 18 5.13 1.28 11.30
N LYS A 19 3.98 0.75 10.93
CA LYS A 19 2.99 0.31 11.92
C LYS A 19 2.70 1.43 12.91
N NH2 A 20 2.78 1.19 14.19
HN1 NH2 A 20 2.60 1.90 14.83
HN2 NH2 A 20 3.02 0.29 14.51
N PRO A 1 -3.68 3.12 -14.66
CA PRO A 1 -3.15 1.74 -14.83
C PRO A 1 -3.41 0.93 -13.56
N LYS A 2 -2.52 1.05 -12.56
CA LYS A 2 -2.70 0.32 -11.31
C LYS A 2 -3.75 1.04 -10.47
N ILE A 3 -4.81 0.33 -10.13
CA ILE A 3 -5.91 0.93 -9.39
C ILE A 3 -5.60 1.09 -7.90
N LEU A 4 -6.63 1.50 -7.17
CA LEU A 4 -6.54 1.76 -5.73
C LEU A 4 -5.97 0.58 -4.94
N ASN A 5 -6.44 -0.62 -5.24
CA ASN A 5 -5.95 -1.78 -4.51
C ASN A 5 -4.45 -1.84 -4.61
N LYS A 6 -3.92 -1.52 -5.78
CA LYS A 6 -2.50 -1.53 -6.00
C LYS A 6 -1.83 -0.44 -5.17
N ILE A 7 -2.37 0.76 -5.23
CA ILE A 7 -1.80 1.85 -4.44
C ILE A 7 -1.96 1.53 -2.96
N LEU A 8 -3.13 1.00 -2.62
CA LEU A 8 -3.41 0.64 -1.23
C LEU A 8 -2.34 -0.29 -0.70
N GLY A 9 -1.97 -1.25 -1.53
CA GLY A 9 -0.95 -2.22 -1.15
C GLY A 9 0.32 -1.50 -0.74
N LYS A 10 0.58 -0.35 -1.37
CA LYS A 10 1.76 0.42 -1.04
C LYS A 10 1.63 0.97 0.36
N ILE A 11 0.42 1.42 0.68
CA ILE A 11 0.16 1.97 2.01
C ILE A 11 0.41 0.90 3.06
N LEU A 12 -0.15 -0.28 2.84
CA LEU A 12 0.05 -1.38 3.77
C LEU A 12 1.53 -1.59 4.01
N ARG A 13 2.30 -1.55 2.93
CA ARG A 13 3.75 -1.71 3.02
C ARG A 13 4.31 -0.72 4.03
N LEU A 14 3.81 0.52 3.98
CA LEU A 14 4.26 1.53 4.91
C LEU A 14 3.78 1.18 6.30
N ALA A 15 2.52 0.80 6.36
CA ALA A 15 1.92 0.40 7.61
C ALA A 15 2.74 -0.72 8.23
N ALA A 16 3.24 -1.59 7.38
CA ALA A 16 4.07 -2.69 7.82
C ALA A 16 5.43 -2.16 8.21
N ALA A 17 5.94 -1.23 7.41
CA ALA A 17 7.22 -0.63 7.68
C ALA A 17 7.18 0.07 9.04
N PHE A 18 6.12 0.84 9.26
CA PHE A 18 5.96 1.56 10.50
C PHE A 18 5.76 0.59 11.66
N LYS A 19 5.42 -0.65 11.34
CA LYS A 19 5.21 -1.66 12.37
C LYS A 19 6.54 -2.11 12.93
N NH2 A 20 7.62 -2.00 12.20
HN1 NH2 A 20 8.48 -2.29 12.55
HN2 NH2 A 20 7.55 -1.62 11.30
#